data_5I49
#
_entry.id   5I49
#
_cell.length_a   129.380
_cell.length_b   58.430
_cell.length_c   66.600
_cell.angle_alpha   90.00
_cell.angle_beta   90.00
_cell.angle_gamma   90.00
#
_symmetry.space_group_name_H-M   'P 21 21 2'
#
loop_
_entity.id
_entity.type
_entity.pdbx_description
1 polymer "3' terminal uridylyl transferase"
2 non-polymer 'ZINC ION'
3 non-polymer "5'-O-[(S)-hydroxy{[(S)-hydroxy(phosphonooxy)phosphoryl]amino}phosphoryl]uridine"
4 non-polymer 'MAGNESIUM ION'
5 water water
#
_entity_poly.entity_id   1
_entity_poly.type   'polypeptide(L)'
_entity_poly.pdbx_seq_one_letter_code
;MGVRLYSCDACPHAVFTTHAALLAHAEEHHADLLPDHARLRRIAQKLNPVWNRALNARRNTITSWGKKIFHVAAQRDAGE
SKMQEAHRARAQLECVVRRWHDKARVFIFGSSVAMGVWDGTADIDFAVVDVDAMERGSWPPLEKNAVRSITELLRRVGFS
FVNLEPISHARVPIIKHHASSPILTVARRDAEDVVARSIRFILNGPATREDRLLLEGSVRDAVGPTGVQQVWWNRTSDMM
SATLESTTAAVRAAMCSPALASASLRTKVQPAHDECRPELYNIDFDLSFRAFGIRNSTLLRKYLLSHPCARPGAIVLKDW
SKTSGVNNSVNGYFTSYAINIMWIYYLVQKGYVPYVDPLEIPESLVNYTDFDPRYTPMIDPEITNTEREELYKAAGDMLV
GFFYFYSFEFDWGHNVISLNRPGITTKRMLGWHVEDVVPVASTSVSSGGGGSNVKRHPTRYELCIEDPYEENLNLGRHIG
VTKSLRVRTELYRGLLSLLKEGETRSCVFAAA
;
_entity_poly.pdbx_strand_id   A
#
# COMPACT_ATOMS: atom_id res chain seq x y z
N VAL A 3 -21.19 33.23 -8.26
CA VAL A 3 -21.24 33.56 -6.84
C VAL A 3 -21.69 32.33 -6.04
N ARG A 4 -21.12 32.16 -4.84
CA ARG A 4 -21.42 31.00 -4.01
C ARG A 4 -21.06 31.25 -2.55
N LEU A 5 -21.43 30.28 -1.71
CA LEU A 5 -21.08 30.30 -0.29
C LEU A 5 -19.73 29.62 -0.03
N TYR A 6 -18.99 30.18 0.92
CA TYR A 6 -17.74 29.58 1.40
C TYR A 6 -17.84 29.56 2.92
N SER A 7 -17.52 28.44 3.55
CA SER A 7 -17.58 28.40 5.00
C SER A 7 -16.25 27.98 5.62
N CYS A 8 -15.98 28.46 6.83
CA CYS A 8 -14.75 28.12 7.53
C CYS A 8 -14.85 26.74 8.15
N ASP A 9 -13.70 26.09 8.35
CA ASP A 9 -13.69 24.74 8.94
C ASP A 9 -13.14 24.75 10.36
N ALA A 10 -12.89 25.95 10.89
CA ALA A 10 -12.26 26.09 12.21
C ALA A 10 -13.20 26.76 13.21
N CYS A 11 -14.33 27.26 12.71
CA CYS A 11 -15.34 27.84 13.57
C CYS A 11 -16.69 27.71 12.88
N PRO A 12 -17.79 27.63 13.65
CA PRO A 12 -19.07 27.22 13.07
C PRO A 12 -19.86 28.35 12.42
N HIS A 13 -19.41 29.60 12.59
CA HIS A 13 -20.24 30.76 12.30
C HIS A 13 -19.71 31.69 11.19
N ALA A 14 -18.78 31.23 10.40
CA ALA A 14 -18.16 32.10 9.40
C ALA A 14 -18.45 31.65 7.98
N VAL A 15 -19.30 32.41 7.29
CA VAL A 15 -19.63 32.12 5.89
C VAL A 15 -19.41 33.37 5.04
N PHE A 16 -18.92 33.16 3.81
CA PHE A 16 -18.56 34.29 2.97
C PHE A 16 -19.05 34.06 1.54
N THR A 17 -19.02 35.12 0.73
CA THR A 17 -19.50 35.05 -0.64
C THR A 17 -18.35 35.11 -1.63
N THR A 18 -17.12 35.24 -1.13
CA THR A 18 -15.94 35.17 -1.97
C THR A 18 -14.82 34.30 -1.35
N HIS A 19 -13.99 33.70 -2.20
CA HIS A 19 -12.88 32.88 -1.72
C HIS A 19 -11.82 33.71 -0.99
N ALA A 20 -11.58 34.92 -1.49
CA ALA A 20 -10.62 35.82 -0.87
C ALA A 20 -11.00 36.11 0.58
N ALA A 21 -12.29 36.34 0.82
CA ALA A 21 -12.75 36.65 2.17
C ALA A 21 -12.58 35.45 3.09
N LEU A 22 -12.78 34.25 2.53
CA LEU A 22 -12.58 33.02 3.30
C LEU A 22 -11.13 32.87 3.72
N LEU A 23 -10.21 33.04 2.76
CA LEU A 23 -8.77 32.93 3.03
C LEU A 23 -8.30 33.96 4.03
N ALA A 24 -8.76 35.20 3.86
CA ALA A 24 -8.42 36.28 4.78
C ALA A 24 -8.92 35.93 6.18
N HIS A 25 -10.14 35.44 6.27
CA HIS A 25 -10.65 35.01 7.57
C HIS A 25 -9.80 33.90 8.20
N ALA A 26 -9.37 32.93 7.41
CA ALA A 26 -8.52 31.85 7.94
C ALA A 26 -7.23 32.42 8.53
N GLU A 27 -6.60 33.33 7.80
CA GLU A 27 -5.35 33.94 8.25
C GLU A 27 -5.55 34.84 9.48
N GLU A 28 -6.60 35.66 9.44
CA GLU A 28 -6.81 36.69 10.46
C GLU A 28 -7.39 36.12 11.76
N HIS A 29 -8.23 35.10 11.67
CA HIS A 29 -8.87 34.55 12.85
C HIS A 29 -8.34 33.18 13.30
N HIS A 30 -7.51 32.55 12.47
CA HIS A 30 -7.01 31.22 12.81
C HIS A 30 -5.53 31.02 12.57
N ALA A 31 -4.77 32.09 12.76
CA ALA A 31 -3.31 32.03 12.64
C ALA A 31 -2.71 30.99 13.60
N ASP A 32 -3.41 30.69 14.69
CA ASP A 32 -2.96 29.67 15.64
C ASP A 32 -2.97 28.26 15.03
N LEU A 33 -3.82 28.08 14.02
CA LEU A 33 -3.95 26.78 13.35
C LEU A 33 -3.01 26.66 12.16
N LEU A 34 -2.50 27.80 11.69
CA LEU A 34 -1.58 27.82 10.56
C LEU A 34 -0.48 28.86 10.80
N PRO A 35 0.35 28.64 11.84
CA PRO A 35 1.27 29.65 12.37
C PRO A 35 2.44 30.02 11.45
N ASP A 36 2.80 29.13 10.53
CA ASP A 36 3.94 29.37 9.65
C ASP A 36 3.55 29.78 8.23
N HIS A 37 2.26 29.72 7.92
CA HIS A 37 1.81 29.95 6.54
C HIS A 37 2.24 31.29 5.94
N ALA A 38 1.83 32.39 6.56
CA ALA A 38 2.16 33.72 6.03
C ALA A 38 3.67 33.92 5.86
N ARG A 39 4.44 33.50 6.86
CA ARG A 39 5.88 33.70 6.87
C ARG A 39 6.62 32.94 5.77
N LEU A 40 6.33 31.64 5.66
CA LEU A 40 6.99 30.81 4.65
C LEU A 40 6.58 31.21 3.24
N ARG A 41 5.30 31.56 3.07
CA ARG A 41 4.80 32.05 1.79
C ARG A 41 5.62 33.27 1.35
N ARG A 42 5.87 34.16 2.30
CA ARG A 42 6.57 35.41 2.01
C ARG A 42 8.02 35.18 1.56
N ILE A 43 8.72 34.30 2.29
CA ILE A 43 10.09 33.92 1.92
C ILE A 43 10.11 33.27 0.53
N ALA A 44 9.19 32.35 0.29
CA ALA A 44 9.10 31.70 -1.03
C ALA A 44 8.76 32.70 -2.13
N GLN A 45 7.87 33.65 -1.82
CA GLN A 45 7.53 34.71 -2.76
C GLN A 45 8.73 35.59 -3.15
N LYS A 46 9.72 35.69 -2.26
CA LYS A 46 10.95 36.43 -2.59
C LYS A 46 11.75 35.71 -3.67
N LEU A 47 11.73 34.39 -3.62
CA LEU A 47 12.54 33.59 -4.55
C LEU A 47 11.94 33.48 -5.94
N ASN A 48 10.62 33.62 -6.04
CA ASN A 48 9.95 33.49 -7.34
C ASN A 48 10.52 34.39 -8.46
N PRO A 49 10.63 35.71 -8.21
CA PRO A 49 11.15 36.58 -9.28
C PRO A 49 12.57 36.23 -9.74
N VAL A 50 13.31 35.50 -8.92
CA VAL A 50 14.69 35.14 -9.26
C VAL A 50 14.86 33.62 -9.24
N TRP A 51 13.78 32.90 -9.53
CA TRP A 51 13.79 31.44 -9.42
C TRP A 51 14.89 30.72 -10.21
N ASN A 52 15.06 31.09 -11.47
CA ASN A 52 16.07 30.44 -12.29
C ASN A 52 17.47 30.70 -11.77
N ARG A 53 17.68 31.89 -11.21
CA ARG A 53 18.98 32.22 -10.63
C ARG A 53 19.23 31.41 -9.37
N ALA A 54 18.16 31.16 -8.61
CA ALA A 54 18.25 30.33 -7.42
C ALA A 54 18.58 28.89 -7.77
N LEU A 55 17.91 28.36 -8.79
CA LEU A 55 18.19 27.00 -9.27
C LEU A 55 19.64 26.88 -9.73
N ASN A 56 20.14 27.92 -10.38
CA ASN A 56 21.50 27.88 -10.88
C ASN A 56 22.50 27.90 -9.72
N ALA A 57 22.29 28.82 -8.79
CA ALA A 57 23.22 28.98 -7.67
C ALA A 57 23.21 27.76 -6.75
N ARG A 58 22.05 27.14 -6.60
CA ARG A 58 21.93 26.03 -5.66
C ARG A 58 22.00 24.67 -6.35
N ARG A 59 22.50 24.65 -7.58
CA ARG A 59 22.56 23.44 -8.38
C ARG A 59 23.30 22.26 -7.72
N ASN A 60 24.40 22.54 -7.02
CA ASN A 60 25.13 21.47 -6.34
C ASN A 60 24.28 20.86 -5.23
N THR A 61 23.58 21.74 -4.50
CA THR A 61 22.75 21.32 -3.37
C THR A 61 21.57 20.50 -3.88
N ILE A 62 20.97 20.95 -4.98
CA ILE A 62 19.85 20.23 -5.56
C ILE A 62 20.29 18.82 -6.01
N THR A 63 21.43 18.74 -6.67
CA THR A 63 21.99 17.44 -7.05
C THR A 63 22.28 16.54 -5.84
N SER A 64 22.80 17.13 -4.76
CA SER A 64 23.03 16.36 -3.55
CA SER A 64 23.03 16.37 -3.54
C SER A 64 21.72 15.83 -2.96
N TRP A 65 20.65 16.63 -3.06
CA TRP A 65 19.35 16.11 -2.64
C TRP A 65 18.94 14.93 -3.55
N GLY A 66 19.22 15.03 -4.84
CA GLY A 66 18.98 13.92 -5.76
C GLY A 66 19.70 12.65 -5.35
N LYS A 67 20.95 12.79 -4.89
CA LYS A 67 21.71 11.64 -4.43
C LYS A 67 21.04 11.05 -3.19
N LYS A 68 20.60 11.91 -2.28
CA LYS A 68 19.95 11.45 -1.06
C LYS A 68 18.62 10.77 -1.34
N ILE A 69 17.92 11.28 -2.35
CA ILE A 69 16.65 10.69 -2.77
C ILE A 69 16.86 9.25 -3.22
N PHE A 70 17.88 9.02 -4.03
CA PHE A 70 18.16 7.65 -4.44
C PHE A 70 18.63 6.76 -3.31
N HIS A 71 19.34 7.35 -2.34
CA HIS A 71 19.77 6.56 -1.19
C HIS A 71 18.57 6.07 -0.39
N VAL A 72 17.64 6.97 -0.10
CA VAL A 72 16.43 6.62 0.64
C VAL A 72 15.64 5.57 -0.13
N ALA A 73 15.56 5.74 -1.45
CA ALA A 73 14.83 4.80 -2.29
C ALA A 73 15.48 3.42 -2.26
N ALA A 74 16.81 3.40 -2.30
CA ALA A 74 17.54 2.13 -2.25
C ALA A 74 17.22 1.33 -0.98
N GLN A 75 17.00 2.03 0.12
CA GLN A 75 16.71 1.35 1.39
C GLN A 75 15.40 0.58 1.35
N ARG A 76 14.47 1.02 0.50
CA ARG A 76 13.18 0.35 0.37
C ARG A 76 13.25 -0.84 -0.60
N ASP A 77 14.34 -0.94 -1.35
CA ASP A 77 14.55 -2.04 -2.31
C ASP A 77 15.41 -3.10 -1.64
N ALA A 78 14.76 -4.14 -1.10
CA ALA A 78 15.50 -5.17 -0.38
C ALA A 78 15.90 -6.33 -1.27
N GLY A 79 15.72 -6.17 -2.57
CA GLY A 79 16.19 -7.18 -3.51
C GLY A 79 15.12 -8.18 -3.90
N GLU A 80 15.41 -8.97 -4.93
CA GLU A 80 14.40 -9.86 -5.47
C GLU A 80 14.04 -10.98 -4.50
N SER A 81 15.02 -11.50 -3.77
CA SER A 81 14.77 -12.61 -2.85
CA SER A 81 14.76 -12.61 -2.87
C SER A 81 13.79 -12.21 -1.76
N LYS A 82 13.89 -10.97 -1.29
CA LYS A 82 12.98 -10.50 -0.27
C LYS A 82 11.57 -10.37 -0.82
N MET A 83 11.44 -9.84 -2.04
CA MET A 83 10.13 -9.76 -2.68
C MET A 83 9.52 -11.15 -2.78
N GLN A 84 10.34 -12.14 -3.07
CA GLN A 84 9.83 -13.51 -3.22
C GLN A 84 9.35 -14.10 -1.90
N GLU A 85 9.81 -13.56 -0.77
CA GLU A 85 9.22 -13.95 0.51
C GLU A 85 7.75 -13.59 0.56
N ALA A 86 7.41 -12.42 0.03
CA ALA A 86 6.01 -12.00 -0.05
C ALA A 86 5.21 -12.90 -1.01
N HIS A 87 5.82 -13.27 -2.13
CA HIS A 87 5.19 -14.21 -3.06
C HIS A 87 4.85 -15.51 -2.36
N ARG A 88 5.77 -16.00 -1.54
CA ARG A 88 5.55 -17.27 -0.85
C ARG A 88 4.43 -17.11 0.18
N ALA A 89 4.42 -15.99 0.89
CA ALA A 89 3.36 -15.74 1.86
C ALA A 89 1.99 -15.73 1.17
N ARG A 90 1.94 -15.11 -0.01
CA ARG A 90 0.71 -15.05 -0.81
C ARG A 90 0.23 -16.47 -1.14
N ALA A 91 1.15 -17.31 -1.60
CA ALA A 91 0.78 -18.70 -1.94
C ALA A 91 0.29 -19.47 -0.71
N GLN A 92 0.91 -19.22 0.43
CA GLN A 92 0.49 -19.84 1.69
C GLN A 92 -0.91 -19.38 2.11
N LEU A 93 -1.17 -18.09 2.03
CA LEU A 93 -2.50 -17.58 2.33
C LEU A 93 -3.52 -18.18 1.37
N GLU A 94 -3.11 -18.38 0.11
CA GLU A 94 -4.06 -18.94 -0.86
C GLU A 94 -4.49 -20.36 -0.49
N CYS A 95 -3.55 -21.16 0.00
CA CYS A 95 -3.89 -22.50 0.45
CA CYS A 95 -3.85 -22.51 0.51
C CYS A 95 -4.92 -22.46 1.57
N VAL A 96 -4.80 -21.46 2.44
CA VAL A 96 -5.73 -21.33 3.55
C VAL A 96 -7.10 -20.89 3.06
N VAL A 97 -7.18 -19.81 2.29
CA VAL A 97 -8.50 -19.30 1.92
C VAL A 97 -9.25 -20.24 0.99
N ARG A 98 -8.53 -21.06 0.23
CA ARG A 98 -9.25 -21.99 -0.67
C ARG A 98 -10.03 -23.06 0.09
N ARG A 99 -9.68 -23.29 1.34
CA ARG A 99 -10.42 -24.21 2.19
CA ARG A 99 -10.42 -24.21 2.19
C ARG A 99 -11.79 -23.62 2.51
N TRP A 100 -11.86 -22.28 2.54
CA TRP A 100 -13.10 -21.55 2.82
C TRP A 100 -13.93 -21.42 1.55
N HIS A 101 -13.25 -21.14 0.45
CA HIS A 101 -13.92 -20.98 -0.84
C HIS A 101 -12.97 -21.40 -1.92
N ASP A 102 -13.20 -22.57 -2.52
CA ASP A 102 -12.22 -23.15 -3.43
C ASP A 102 -11.81 -22.26 -4.60
N LYS A 103 -12.74 -21.43 -5.06
CA LYS A 103 -12.47 -20.63 -6.25
C LYS A 103 -11.83 -19.26 -5.93
N ALA A 104 -11.62 -18.96 -4.66
CA ALA A 104 -10.99 -17.68 -4.33
C ALA A 104 -9.50 -17.75 -4.60
N ARG A 105 -8.93 -16.64 -5.05
CA ARG A 105 -7.49 -16.55 -5.27
C ARG A 105 -7.01 -15.31 -4.55
N VAL A 106 -5.71 -15.27 -4.24
CA VAL A 106 -5.14 -14.16 -3.47
C VAL A 106 -4.30 -13.24 -4.37
N PHE A 107 -4.56 -11.94 -4.29
CA PHE A 107 -3.84 -10.96 -5.11
C PHE A 107 -3.10 -10.07 -4.12
N ILE A 108 -1.83 -9.77 -4.37
CA ILE A 108 -1.19 -8.71 -3.59
C ILE A 108 -1.49 -7.37 -4.26
N PHE A 109 -1.80 -6.33 -3.48
CA PHE A 109 -1.86 -4.98 -4.06
C PHE A 109 -1.11 -3.99 -3.16
N GLY A 110 -1.18 -2.70 -3.48
CA GLY A 110 -0.53 -1.72 -2.64
C GLY A 110 0.90 -1.46 -3.07
N SER A 111 1.77 -1.13 -2.11
CA SER A 111 3.10 -0.61 -2.43
C SER A 111 4.04 -1.56 -3.19
N SER A 112 3.99 -2.87 -2.93
CA SER A 112 4.91 -3.80 -3.60
C SER A 112 4.56 -3.91 -5.08
N VAL A 113 3.30 -3.65 -5.41
CA VAL A 113 2.90 -3.56 -6.82
C VAL A 113 3.35 -2.21 -7.38
N ALA A 114 2.94 -1.13 -6.73
CA ALA A 114 3.20 0.21 -7.26
C ALA A 114 4.68 0.52 -7.40
N MET A 115 5.49 0.04 -6.45
CA MET A 115 6.92 0.36 -6.39
C MET A 115 7.80 -0.79 -6.93
N GLY A 116 7.21 -1.95 -7.14
CA GLY A 116 7.94 -3.09 -7.70
C GLY A 116 9.05 -3.62 -6.81
N VAL A 117 9.01 -3.22 -5.54
CA VAL A 117 9.99 -3.66 -4.55
C VAL A 117 9.27 -3.81 -3.23
N TRP A 118 9.85 -4.60 -2.33
CA TRP A 118 9.35 -4.67 -0.95
C TRP A 118 10.54 -4.66 0.02
N ASP A 119 10.44 -3.88 1.10
CA ASP A 119 11.57 -3.73 2.03
C ASP A 119 11.59 -4.78 3.14
N GLY A 120 10.58 -5.64 3.14
CA GLY A 120 10.53 -6.73 4.11
C GLY A 120 9.88 -6.35 5.41
N THR A 121 9.45 -5.10 5.52
CA THR A 121 8.83 -4.61 6.76
CA THR A 121 8.82 -4.63 6.76
C THR A 121 7.47 -3.96 6.53
N ALA A 122 7.34 -3.23 5.42
CA ALA A 122 6.07 -2.58 5.07
C ALA A 122 4.95 -3.62 5.06
N ASP A 123 3.77 -3.29 5.59
CA ASP A 123 2.75 -4.33 5.55
C ASP A 123 2.28 -4.63 4.12
N ILE A 124 1.79 -5.83 3.91
CA ILE A 124 1.40 -6.28 2.58
C ILE A 124 -0.11 -6.26 2.53
N ASP A 125 -0.69 -5.83 1.41
CA ASP A 125 -2.15 -5.87 1.23
C ASP A 125 -2.54 -7.10 0.41
N PHE A 126 -3.42 -7.94 0.94
CA PHE A 126 -3.89 -9.09 0.19
C PHE A 126 -5.37 -8.89 -0.11
N ALA A 127 -5.76 -9.14 -1.35
CA ALA A 127 -7.18 -9.16 -1.71
C ALA A 127 -7.56 -10.61 -2.03
N VAL A 128 -8.70 -11.06 -1.53
CA VAL A 128 -9.15 -12.43 -1.77
C VAL A 128 -10.39 -12.35 -2.65
N VAL A 129 -10.30 -12.86 -3.87
CA VAL A 129 -11.33 -12.65 -4.87
C VAL A 129 -11.56 -13.92 -5.68
N ASP A 130 -12.83 -14.25 -5.91
CA ASP A 130 -13.27 -15.30 -6.82
C ASP A 130 -13.65 -14.53 -8.07
N VAL A 131 -12.81 -14.65 -9.10
CA VAL A 131 -12.94 -13.84 -10.30
C VAL A 131 -14.22 -14.17 -11.06
N ASP A 132 -14.53 -15.46 -11.20
CA ASP A 132 -15.80 -15.88 -11.80
C ASP A 132 -16.98 -15.19 -11.12
N ALA A 133 -16.98 -15.20 -9.79
CA ALA A 133 -18.08 -14.62 -9.02
C ALA A 133 -18.14 -13.12 -9.21
N MET A 134 -16.97 -12.48 -9.29
CA MET A 134 -16.92 -11.04 -9.51
C MET A 134 -17.50 -10.71 -10.88
N GLU A 135 -17.22 -11.57 -11.86
CA GLU A 135 -17.74 -11.36 -13.21
C GLU A 135 -19.27 -11.50 -13.28
N ARG A 136 -19.84 -12.28 -12.36
CA ARG A 136 -21.31 -12.45 -12.31
C ARG A 136 -21.95 -11.36 -11.48
N GLY A 137 -21.14 -10.48 -10.89
CA GLY A 137 -21.65 -9.48 -9.98
C GLY A 137 -21.98 -10.04 -8.61
N SER A 138 -21.33 -11.13 -8.23
CA SER A 138 -21.61 -11.77 -6.95
C SER A 138 -20.39 -11.92 -6.05
N TRP A 139 -19.53 -10.89 -6.04
CA TRP A 139 -18.40 -10.87 -5.11
C TRP A 139 -18.27 -9.46 -4.52
N PRO A 140 -17.91 -9.35 -3.22
CA PRO A 140 -17.64 -10.40 -2.24
C PRO A 140 -18.92 -10.95 -1.62
N PRO A 141 -18.83 -12.13 -0.95
CA PRO A 141 -19.94 -12.60 -0.13
C PRO A 141 -20.05 -11.73 1.12
N LEU A 142 -20.97 -12.03 2.03
CA LEU A 142 -21.10 -11.17 3.21
C LEU A 142 -19.77 -11.15 3.99
N GLU A 143 -19.17 -9.98 4.07
CA GLU A 143 -17.78 -9.87 4.51
C GLU A 143 -17.53 -10.14 5.98
N LYS A 144 -18.50 -9.81 6.83
CA LYS A 144 -18.39 -10.10 8.25
C LYS A 144 -18.22 -11.61 8.46
N ASN A 145 -18.94 -12.40 7.66
CA ASN A 145 -18.83 -13.85 7.81
C ASN A 145 -17.51 -14.36 7.25
N ALA A 146 -17.09 -13.78 6.14
CA ALA A 146 -15.81 -14.14 5.53
C ALA A 146 -14.65 -13.88 6.49
N VAL A 147 -14.66 -12.72 7.15
CA VAL A 147 -13.61 -12.39 8.12
C VAL A 147 -13.56 -13.44 9.21
N ARG A 148 -14.73 -13.81 9.74
CA ARG A 148 -14.75 -14.76 10.84
C ARG A 148 -14.31 -16.17 10.41
N SER A 149 -14.73 -16.60 9.22
CA SER A 149 -14.37 -17.92 8.72
C SER A 149 -12.86 -18.03 8.52
N ILE A 150 -12.27 -17.05 7.86
CA ILE A 150 -10.84 -17.09 7.53
C ILE A 150 -10.01 -16.97 8.80
N THR A 151 -10.48 -16.14 9.73
CA THR A 151 -9.78 -16.01 11.01
C THR A 151 -9.69 -17.38 11.68
N GLU A 152 -10.79 -18.14 11.65
CA GLU A 152 -10.78 -19.44 12.32
C GLU A 152 -9.82 -20.39 11.60
N LEU A 153 -9.79 -20.33 10.28
CA LEU A 153 -8.89 -21.21 9.53
C LEU A 153 -7.44 -20.91 9.88
N LEU A 154 -7.11 -19.62 9.99
CA LEU A 154 -5.75 -19.21 10.35
C LEU A 154 -5.40 -19.67 11.77
N ARG A 155 -6.33 -19.54 12.71
CA ARG A 155 -6.09 -20.05 14.07
C ARG A 155 -5.79 -21.55 14.08
N ARG A 156 -6.52 -22.31 13.26
CA ARG A 156 -6.38 -23.76 13.26
C ARG A 156 -5.08 -24.23 12.58
N VAL A 157 -4.48 -23.35 11.79
CA VAL A 157 -3.23 -23.70 11.11
C VAL A 157 -2.06 -23.21 11.93
N GLY A 158 -2.36 -22.51 13.04
CA GLY A 158 -1.34 -22.13 14.00
C GLY A 158 -1.18 -20.64 14.34
N PHE A 159 -2.02 -19.78 13.77
CA PHE A 159 -1.95 -18.36 14.12
C PHE A 159 -2.54 -18.10 15.51
N SER A 160 -1.86 -17.27 16.30
CA SER A 160 -2.32 -16.91 17.64
C SER A 160 -3.27 -15.72 17.64
N PHE A 161 -4.23 -15.72 18.56
CA PHE A 161 -5.14 -14.59 18.71
C PHE A 161 -4.40 -13.30 19.07
N VAL A 162 -3.17 -13.44 19.57
CA VAL A 162 -2.34 -12.28 19.86
C VAL A 162 -1.94 -11.53 18.59
N ASN A 163 -1.87 -12.26 17.48
CA ASN A 163 -1.39 -11.69 16.21
C ASN A 163 -2.53 -11.36 15.25
N LEU A 164 -3.65 -12.04 15.43
CA LEU A 164 -4.76 -11.92 14.49
C LEU A 164 -5.80 -10.93 14.99
N GLU A 165 -6.12 -9.93 14.17
CA GLU A 165 -7.18 -8.98 14.51
C GLU A 165 -8.27 -9.03 13.46
N PRO A 166 -9.33 -9.78 13.74
CA PRO A 166 -10.45 -9.73 12.78
C PRO A 166 -11.18 -8.42 13.00
N ILE A 167 -11.42 -7.68 11.92
CA ILE A 167 -12.17 -6.44 12.01
C ILE A 167 -13.44 -6.62 11.18
N SER A 168 -14.39 -7.36 11.74
CA SER A 168 -15.58 -7.77 11.00
C SER A 168 -16.61 -6.65 10.92
N HIS A 169 -16.54 -5.72 11.86
CA HIS A 169 -17.54 -4.66 11.94
C HIS A 169 -16.98 -3.28 11.55
N ALA A 170 -16.16 -3.25 10.51
CA ALA A 170 -15.69 -2.01 9.92
C ALA A 170 -16.49 -1.71 8.67
N ARG A 171 -16.27 -0.55 8.06
CA ARG A 171 -16.96 -0.22 6.81
C ARG A 171 -16.55 -1.21 5.72
N VAL A 172 -15.26 -1.51 5.68
CA VAL A 172 -14.74 -2.58 4.85
C VAL A 172 -14.13 -3.60 5.80
N PRO A 173 -14.85 -4.71 6.05
CA PRO A 173 -14.35 -5.69 7.02
C PRO A 173 -13.04 -6.29 6.52
N ILE A 174 -12.04 -6.38 7.41
CA ILE A 174 -10.77 -6.97 7.02
C ILE A 174 -10.25 -7.85 8.15
N ILE A 175 -9.20 -8.61 7.86
CA ILE A 175 -8.40 -9.25 8.90
C ILE A 175 -7.05 -8.55 8.88
N LYS A 176 -6.60 -8.08 10.04
CA LYS A 176 -5.26 -7.53 10.16
C LYS A 176 -4.39 -8.55 10.88
N HIS A 177 -3.22 -8.82 10.32
CA HIS A 177 -2.24 -9.66 11.01
C HIS A 177 -1.08 -8.82 11.50
N HIS A 178 -0.80 -8.88 12.80
CA HIS A 178 0.26 -8.12 13.42
C HIS A 178 1.36 -9.09 13.77
N ALA A 179 2.48 -9.02 13.05
CA ALA A 179 3.54 -10.01 13.25
C ALA A 179 4.31 -9.73 14.51
N SER A 180 4.66 -10.77 15.26
CA SER A 180 5.55 -10.59 16.40
C SER A 180 6.97 -10.31 15.89
N SER A 181 7.78 -9.66 16.71
CA SER A 181 9.19 -9.53 16.38
C SER A 181 9.98 -10.62 17.08
N PRO A 182 10.97 -11.21 16.39
CA PRO A 182 11.82 -12.24 16.99
C PRO A 182 12.97 -11.63 17.78
N ASP A 193 15.84 -23.16 5.80
CA ASP A 193 15.88 -23.74 7.14
C ASP A 193 14.77 -24.79 7.35
N VAL A 194 15.16 -25.94 7.89
CA VAL A 194 14.31 -27.12 7.97
C VAL A 194 13.14 -26.99 8.96
N VAL A 195 13.40 -26.42 10.13
CA VAL A 195 12.37 -26.19 11.15
C VAL A 195 11.18 -25.35 10.63
N ALA A 196 11.49 -24.32 9.85
CA ALA A 196 10.44 -23.41 9.37
C ALA A 196 9.46 -24.11 8.42
N ARG A 197 9.92 -25.17 7.77
CA ARG A 197 9.06 -25.95 6.91
C ARG A 197 8.70 -27.30 7.52
N SER A 198 8.76 -27.37 8.84
CA SER A 198 8.32 -28.56 9.56
C SER A 198 7.03 -28.24 10.32
N ILE A 199 6.14 -29.22 10.42
CA ILE A 199 4.91 -29.05 11.20
C ILE A 199 4.71 -30.24 12.13
N ARG A 200 3.79 -30.08 13.07
CA ARG A 200 3.54 -31.11 14.05
C ARG A 200 2.04 -31.34 14.18
N PHE A 201 1.61 -32.59 14.02
CA PHE A 201 0.22 -32.94 14.32
C PHE A 201 0.10 -33.54 15.72
N ILE A 202 -0.78 -32.97 16.54
CA ILE A 202 -1.05 -33.50 17.87
C ILE A 202 -2.40 -34.21 17.83
N LEU A 203 -2.40 -35.49 18.18
CA LEU A 203 -3.62 -36.30 18.15
C LEU A 203 -4.20 -36.38 19.56
N ASN A 204 -5.52 -36.65 19.65
CA ASN A 204 -6.18 -36.74 20.95
C ASN A 204 -6.20 -38.16 21.53
N GLY A 205 -5.38 -39.03 20.95
CA GLY A 205 -5.30 -40.42 21.36
C GLY A 205 -4.29 -41.13 20.49
N PRO A 206 -4.01 -42.41 20.79
CA PRO A 206 -2.96 -43.12 20.05
C PRO A 206 -3.45 -43.50 18.67
N ALA A 207 -2.60 -43.38 17.66
CA ALA A 207 -2.99 -43.78 16.31
C ALA A 207 -2.60 -45.22 16.08
N THR A 208 -3.50 -46.01 15.49
CA THR A 208 -3.16 -47.35 15.06
C THR A 208 -2.20 -47.25 13.88
N ARG A 209 -1.64 -48.38 13.46
CA ARG A 209 -0.82 -48.42 12.25
C ARG A 209 -1.59 -47.89 11.04
N GLU A 210 -2.85 -48.30 10.93
CA GLU A 210 -3.66 -47.82 9.81
C GLU A 210 -3.87 -46.31 9.92
N ASP A 211 -4.12 -45.82 11.14
CA ASP A 211 -4.33 -44.38 11.36
C ASP A 211 -3.09 -43.60 10.92
N ARG A 212 -1.92 -44.12 11.27
CA ARG A 212 -0.65 -43.46 10.93
C ARG A 212 -0.46 -43.37 9.42
N LEU A 213 -0.77 -44.44 8.70
CA LEU A 213 -0.66 -44.44 7.24
C LEU A 213 -1.65 -43.46 6.61
N LEU A 214 -2.83 -43.34 7.20
CA LEU A 214 -3.86 -42.45 6.64
C LEU A 214 -3.47 -40.98 6.83
N LEU A 215 -2.94 -40.63 8.00
CA LEU A 215 -2.48 -39.26 8.24
C LEU A 215 -1.35 -38.92 7.26
N GLU A 216 -0.35 -39.79 7.16
CA GLU A 216 0.76 -39.55 6.22
C GLU A 216 0.26 -39.42 4.78
N GLY A 217 -0.72 -40.24 4.41
CA GLY A 217 -1.30 -40.17 3.08
C GLY A 217 -1.99 -38.84 2.83
N SER A 218 -2.72 -38.36 3.84
CA SER A 218 -3.39 -37.08 3.75
C SER A 218 -2.38 -35.95 3.48
N VAL A 219 -1.24 -36.01 4.16
CA VAL A 219 -0.18 -35.01 3.98
C VAL A 219 0.45 -35.16 2.60
N ARG A 220 0.82 -36.38 2.24
CA ARG A 220 1.38 -36.62 0.89
C ARG A 220 0.47 -36.14 -0.22
N ASP A 221 -0.82 -36.48 -0.13
CA ASP A 221 -1.79 -36.08 -1.14
C ASP A 221 -1.93 -34.57 -1.24
N ALA A 222 -1.73 -33.87 -0.13
CA ALA A 222 -1.87 -32.41 -0.08
C ALA A 222 -0.71 -31.67 -0.71
N VAL A 223 0.47 -32.27 -0.70
CA VAL A 223 1.67 -31.58 -1.20
C VAL A 223 2.23 -32.16 -2.48
N GLY A 224 1.70 -33.30 -2.90
CA GLY A 224 2.22 -33.98 -4.06
C GLY A 224 3.46 -34.81 -3.72
N PRO A 225 4.03 -35.47 -4.75
CA PRO A 225 5.10 -36.47 -4.65
C PRO A 225 6.50 -35.96 -4.27
N THR A 226 6.77 -34.66 -4.39
CA THR A 226 8.06 -34.12 -3.95
C THR A 226 7.95 -33.43 -2.59
N GLY A 227 6.72 -33.14 -2.19
CA GLY A 227 6.46 -32.29 -1.04
C GLY A 227 6.92 -32.77 0.33
N VAL A 228 6.87 -34.08 0.58
CA VAL A 228 7.25 -34.59 1.89
C VAL A 228 8.70 -35.05 1.86
N GLN A 229 9.51 -34.53 2.78
CA GLN A 229 10.90 -34.95 2.88
C GLN A 229 11.08 -35.99 3.98
N GLN A 230 10.34 -35.82 5.07
CA GLN A 230 10.53 -36.66 6.23
C GLN A 230 9.32 -36.65 7.16
N VAL A 231 8.92 -37.82 7.62
CA VAL A 231 7.83 -37.96 8.58
C VAL A 231 8.28 -38.81 9.75
N TRP A 232 7.97 -38.39 10.97
CA TRP A 232 8.30 -39.21 12.14
C TRP A 232 7.28 -39.11 13.28
N TRP A 233 7.08 -40.24 13.96
CA TRP A 233 6.10 -40.35 15.04
C TRP A 233 6.80 -40.44 16.40
N ASN A 234 6.16 -39.91 17.44
CA ASN A 234 6.71 -40.05 18.79
C ASN A 234 6.45 -41.45 19.32
N ARG A 235 6.85 -41.70 20.56
CA ARG A 235 6.79 -43.05 21.13
C ARG A 235 5.35 -43.54 21.35
N THR A 236 4.49 -42.62 21.76
CA THR A 236 3.13 -42.95 22.12
C THR A 236 2.17 -42.84 20.94
N SER A 237 2.71 -42.62 19.74
CA SER A 237 1.93 -42.56 18.51
C SER A 237 0.78 -41.55 18.54
N ASP A 238 0.99 -40.42 19.20
CA ASP A 238 -0.04 -39.39 19.26
C ASP A 238 0.52 -38.03 18.84
N MET A 239 1.70 -38.06 18.23
CA MET A 239 2.24 -36.87 17.59
C MET A 239 2.99 -37.30 16.34
N MET A 240 2.67 -36.67 15.21
CA MET A 240 3.42 -36.93 13.99
C MET A 240 4.06 -35.64 13.51
N SER A 241 5.37 -35.67 13.31
CA SER A 241 6.05 -34.52 12.75
C SER A 241 6.34 -34.77 11.27
N ALA A 242 6.32 -33.70 10.49
CA ALA A 242 6.60 -33.81 9.06
C ALA A 242 7.49 -32.63 8.66
N THR A 243 8.52 -32.92 7.88
CA THR A 243 9.31 -31.85 7.28
C THR A 243 8.99 -31.85 5.80
N LEU A 244 8.59 -30.70 5.29
CA LEU A 244 8.15 -30.59 3.91
C LEU A 244 9.24 -29.92 3.07
N GLU A 245 9.08 -29.89 1.75
CA GLU A 245 10.13 -29.40 0.86
C GLU A 245 10.29 -27.89 0.89
N SER A 246 9.22 -27.20 1.28
CA SER A 246 9.24 -25.75 1.33
C SER A 246 8.33 -25.25 2.43
N THR A 247 8.44 -23.97 2.75
CA THR A 247 7.55 -23.36 3.74
C THR A 247 6.13 -23.36 3.21
N THR A 248 5.96 -23.20 1.89
CA THR A 248 4.62 -23.19 1.30
C THR A 248 4.01 -24.59 1.35
N ALA A 249 4.80 -25.61 1.03
CA ALA A 249 4.34 -26.98 1.18
C ALA A 249 4.00 -27.29 2.64
N ALA A 250 4.72 -26.67 3.58
CA ALA A 250 4.42 -26.87 5.00
C ALA A 250 3.02 -26.35 5.38
N VAL A 251 2.67 -25.18 4.86
CA VAL A 251 1.31 -24.65 5.08
C VAL A 251 0.28 -25.49 4.36
N ARG A 252 0.60 -25.92 3.14
CA ARG A 252 -0.31 -26.76 2.37
C ARG A 252 -0.62 -28.06 3.13
N ALA A 253 0.41 -28.65 3.73
CA ALA A 253 0.23 -29.89 4.52
C ALA A 253 -0.57 -29.63 5.79
N ALA A 254 -0.31 -28.50 6.43
CA ALA A 254 -1.06 -28.14 7.63
C ALA A 254 -2.54 -27.96 7.31
N MET A 255 -2.85 -27.65 6.05
CA MET A 255 -4.24 -27.45 5.65
C MET A 255 -4.95 -28.74 5.22
N CYS A 256 -4.27 -29.88 5.31
CA CYS A 256 -4.92 -31.13 4.88
C CYS A 256 -6.06 -31.48 5.82
N SER A 257 -6.98 -32.34 5.36
CA SER A 257 -8.10 -32.78 6.20
C SER A 257 -8.03 -34.28 6.38
N PRO A 258 -7.30 -34.74 7.40
CA PRO A 258 -7.10 -36.18 7.60
C PRO A 258 -8.43 -36.90 7.84
N ALA A 259 -8.62 -38.06 7.23
CA ALA A 259 -9.75 -38.91 7.56
C ALA A 259 -9.17 -40.18 8.15
N LEU A 260 -9.19 -40.30 9.47
CA LEU A 260 -8.52 -41.42 10.13
C LEU A 260 -9.49 -42.56 10.37
N ALA A 261 -8.96 -43.73 10.71
CA ALA A 261 -9.78 -44.94 10.83
C ALA A 261 -10.48 -45.00 12.18
N SER A 262 -9.72 -44.75 13.25
CA SER A 262 -10.27 -44.82 14.61
C SER A 262 -11.33 -43.78 14.87
N ALA A 263 -12.48 -44.21 15.37
CA ALA A 263 -13.55 -43.28 15.71
C ALA A 263 -13.12 -42.22 16.72
N SER A 264 -13.42 -40.96 16.38
CA SER A 264 -13.16 -39.79 17.22
C SER A 264 -11.68 -39.42 17.38
N LEU A 265 -10.79 -40.10 16.64
CA LEU A 265 -9.38 -39.69 16.64
C LEU A 265 -9.28 -38.42 15.81
N ARG A 266 -8.71 -37.37 16.40
CA ARG A 266 -8.66 -36.06 15.77
C ARG A 266 -7.26 -35.52 15.88
N THR A 267 -6.95 -34.57 14.99
CA THR A 267 -5.64 -33.92 14.99
C THR A 267 -5.76 -32.41 15.15
N LYS A 268 -4.72 -31.80 15.73
CA LYS A 268 -4.49 -30.36 15.67
C LYS A 268 -3.10 -30.18 15.07
N VAL A 269 -2.90 -29.11 14.30
CA VAL A 269 -1.62 -28.93 13.61
C VAL A 269 -1.08 -27.52 13.84
N GLN A 270 0.24 -27.40 13.85
CA GLN A 270 0.86 -26.08 13.90
C GLN A 270 2.30 -26.24 13.43
N PRO A 271 2.96 -25.12 13.11
CA PRO A 271 4.39 -25.22 12.76
C PRO A 271 5.18 -25.84 13.92
N ALA A 272 6.22 -26.59 13.59
CA ALA A 272 7.03 -27.27 14.61
C ALA A 272 7.66 -26.33 15.64
N HIS A 273 7.92 -25.09 15.22
CA HIS A 273 8.54 -24.10 16.11
C HIS A 273 7.68 -22.84 16.23
N ASP A 274 7.71 -22.24 17.42
CA ASP A 274 6.86 -21.09 17.70
C ASP A 274 7.35 -19.77 17.07
N GLU A 275 8.65 -19.68 16.80
CA GLU A 275 9.21 -18.45 16.22
C GLU A 275 9.70 -18.62 14.78
N CYS A 276 10.35 -19.73 14.47
CA CYS A 276 10.82 -20.02 13.12
CA CYS A 276 10.82 -20.01 13.12
C CYS A 276 9.73 -20.68 12.28
N ARG A 277 9.03 -19.88 11.47
CA ARG A 277 7.84 -20.33 10.76
C ARG A 277 7.78 -19.86 9.29
N PRO A 278 6.81 -20.40 8.51
CA PRO A 278 6.63 -19.93 7.13
C PRO A 278 6.39 -18.41 7.03
N GLU A 279 6.70 -17.85 5.87
CA GLU A 279 6.65 -16.41 5.65
C GLU A 279 5.36 -15.72 6.13
N LEU A 280 4.20 -16.35 5.90
CA LEU A 280 2.92 -15.71 6.22
C LEU A 280 2.81 -15.35 7.70
N TYR A 281 3.44 -16.15 8.56
CA TYR A 281 3.41 -15.89 10.00
C TYR A 281 4.25 -14.68 10.41
N ASN A 282 5.15 -14.24 9.54
CA ASN A 282 6.19 -13.29 9.91
C ASN A 282 6.01 -11.90 9.31
N ILE A 283 4.92 -11.70 8.57
CA ILE A 283 4.72 -10.43 7.88
C ILE A 283 3.42 -9.76 8.34
N ASP A 284 3.47 -8.43 8.48
CA ASP A 284 2.25 -7.67 8.75
C ASP A 284 1.41 -7.65 7.47
N PHE A 285 0.11 -7.92 7.57
CA PHE A 285 -0.76 -7.85 6.41
C PHE A 285 -2.19 -7.45 6.74
N ASP A 286 -2.86 -6.85 5.76
CA ASP A 286 -4.31 -6.63 5.84
C ASP A 286 -4.90 -7.53 4.78
N LEU A 287 -5.93 -8.27 5.15
CA LEU A 287 -6.60 -9.16 4.22
C LEU A 287 -7.99 -8.62 3.95
N SER A 288 -8.30 -8.33 2.69
N SER A 288 -8.27 -8.34 2.68
CA SER A 288 -9.63 -7.83 2.34
CA SER A 288 -9.54 -7.78 2.25
C SER A 288 -10.23 -8.67 1.24
C SER A 288 -10.22 -8.67 1.21
N PHE A 289 -11.50 -8.43 0.94
CA PHE A 289 -12.23 -9.27 0.01
C PHE A 289 -12.67 -8.53 -1.26
N ARG A 290 -12.18 -7.31 -1.40
CA ARG A 290 -12.57 -6.46 -2.53
C ARG A 290 -11.43 -6.26 -3.52
N ALA A 291 -11.79 -5.97 -4.76
CA ALA A 291 -10.80 -5.87 -5.83
C ALA A 291 -10.31 -4.45 -6.08
N PHE A 292 -10.88 -3.49 -5.36
CA PHE A 292 -10.68 -2.07 -5.71
C PHE A 292 -9.21 -1.66 -5.83
N GLY A 293 -8.40 -2.12 -4.89
CA GLY A 293 -7.00 -1.68 -4.81
C GLY A 293 -6.12 -2.27 -5.89
N ILE A 294 -6.59 -3.31 -6.55
CA ILE A 294 -5.77 -3.98 -7.56
C ILE A 294 -5.60 -3.09 -8.78
N ARG A 295 -6.71 -2.56 -9.30
CA ARG A 295 -6.66 -1.73 -10.49
C ARG A 295 -5.86 -0.46 -10.20
N ASN A 296 -6.17 0.16 -9.06
CA ASN A 296 -5.42 1.31 -8.49
C ASN A 296 -3.91 1.11 -8.56
N SER A 297 -3.48 0.04 -7.90
CA SER A 297 -2.05 -0.24 -7.75
C SER A 297 -1.40 -0.48 -9.11
N THR A 298 -2.14 -1.10 -10.03
CA THR A 298 -1.60 -1.40 -11.35
C THR A 298 -1.41 -0.12 -12.16
N LEU A 299 -2.35 0.81 -12.02
CA LEU A 299 -2.21 2.10 -12.69
C LEU A 299 -0.99 2.83 -12.14
N LEU A 300 -0.86 2.87 -10.81
CA LEU A 300 0.30 3.55 -10.22
C LEU A 300 1.60 2.91 -10.69
N ARG A 301 1.62 1.58 -10.75
CA ARG A 301 2.83 0.89 -11.20
C ARG A 301 3.25 1.33 -12.60
N LYS A 302 2.26 1.42 -13.49
CA LYS A 302 2.55 1.75 -14.88
C LYS A 302 3.16 3.14 -14.96
N TYR A 303 2.60 4.09 -14.23
CA TYR A 303 3.15 5.45 -14.23
C TYR A 303 4.53 5.48 -13.59
N LEU A 304 4.67 4.84 -12.43
CA LEU A 304 5.91 5.00 -11.68
C LEU A 304 7.10 4.28 -12.32
N LEU A 305 6.83 3.28 -13.15
CA LEU A 305 7.92 2.62 -13.86
C LEU A 305 8.36 3.42 -15.11
N SER A 306 7.61 4.45 -15.46
CA SER A 306 7.85 5.10 -16.77
C SER A 306 8.90 6.22 -16.76
N HIS A 307 9.52 6.46 -15.61
CA HIS A 307 10.70 7.36 -15.53
C HIS A 307 11.57 6.82 -14.41
N PRO A 308 12.90 6.78 -14.61
CA PRO A 308 13.76 6.17 -13.58
C PRO A 308 13.78 6.91 -12.26
N CYS A 309 13.33 8.17 -12.22
CA CYS A 309 13.27 8.90 -10.96
C CYS A 309 11.88 8.91 -10.32
N ALA A 310 10.91 8.29 -10.97
CA ALA A 310 9.53 8.37 -10.47
C ALA A 310 9.30 7.65 -9.14
N ARG A 311 9.78 6.41 -9.02
CA ARG A 311 9.66 5.70 -7.75
C ARG A 311 10.48 6.33 -6.60
N PRO A 312 11.75 6.70 -6.88
CA PRO A 312 12.48 7.34 -5.78
C PRO A 312 11.79 8.60 -5.29
N GLY A 313 11.28 9.41 -6.21
CA GLY A 313 10.56 10.61 -5.81
C GLY A 313 9.30 10.32 -5.03
N ALA A 314 8.55 9.31 -5.45
CA ALA A 314 7.31 8.95 -4.76
C ALA A 314 7.64 8.49 -3.34
N ILE A 315 8.72 7.73 -3.21
CA ILE A 315 9.13 7.22 -1.90
C ILE A 315 9.48 8.36 -0.94
N VAL A 316 10.30 9.31 -1.40
CA VAL A 316 10.69 10.44 -0.56
C VAL A 316 9.48 11.34 -0.20
N LEU A 317 8.57 11.53 -1.15
CA LEU A 317 7.36 12.30 -0.87
C LEU A 317 6.41 11.61 0.11
N LYS A 318 6.36 10.28 0.08
CA LYS A 318 5.57 9.55 1.07
C LYS A 318 6.12 9.86 2.46
N ASP A 319 7.43 9.73 2.64
CA ASP A 319 8.04 10.00 3.94
C ASP A 319 7.88 11.47 4.32
N TRP A 320 8.16 12.38 3.40
CA TRP A 320 7.95 13.82 3.62
C TRP A 320 6.52 14.15 4.02
N SER A 321 5.57 13.57 3.32
CA SER A 321 4.17 13.91 3.60
C SER A 321 3.77 13.44 5.00
N LYS A 322 4.33 12.32 5.45
CA LYS A 322 4.00 11.81 6.77
C LYS A 322 4.61 12.68 7.86
N THR A 323 5.90 13.00 7.73
CA THR A 323 6.58 13.77 8.75
CA THR A 323 6.58 13.77 8.75
C THR A 323 6.08 15.20 8.82
N SER A 324 5.60 15.73 7.69
CA SER A 324 5.09 17.10 7.64
C SER A 324 3.61 17.18 8.04
N GLY A 325 2.98 16.03 8.20
CA GLY A 325 1.58 15.99 8.62
C GLY A 325 0.51 16.09 7.53
N VAL A 326 0.92 16.20 6.27
CA VAL A 326 -0.08 16.36 5.19
C VAL A 326 -0.61 14.99 4.74
N ASN A 327 0.12 13.94 5.13
CA ASN A 327 -0.32 12.56 4.94
C ASN A 327 -0.69 12.01 6.30
N ASN A 328 -1.99 11.92 6.55
CA ASN A 328 -2.51 11.61 7.87
C ASN A 328 -4.01 11.45 7.72
N SER A 329 -4.43 10.36 7.09
CA SER A 329 -5.83 10.15 6.73
C SER A 329 -6.80 10.10 7.93
N VAL A 330 -6.36 9.51 9.05
CA VAL A 330 -7.25 9.44 10.22
C VAL A 330 -7.70 10.81 10.70
N ASN A 331 -6.89 11.84 10.42
CA ASN A 331 -7.28 13.20 10.77
C ASN A 331 -7.73 14.02 9.56
N GLY A 332 -8.07 13.32 8.48
CA GLY A 332 -8.72 13.96 7.35
C GLY A 332 -7.79 14.54 6.29
N TYR A 333 -6.48 14.37 6.45
CA TYR A 333 -5.57 14.85 5.41
C TYR A 333 -5.45 13.82 4.30
N PHE A 334 -4.35 13.86 3.56
CA PHE A 334 -4.17 12.95 2.43
C PHE A 334 -3.70 11.56 2.86
N THR A 335 -3.93 10.59 1.99
CA THR A 335 -3.35 9.26 2.14
C THR A 335 -2.07 9.22 1.31
N SER A 336 -1.29 8.17 1.50
CA SER A 336 -0.10 7.95 0.69
C SER A 336 -0.51 7.80 -0.77
N TYR A 337 -1.65 7.18 -1.00
CA TYR A 337 -2.19 7.02 -2.33
C TYR A 337 -2.43 8.37 -3.02
N ALA A 338 -3.03 9.30 -2.29
CA ALA A 338 -3.28 10.64 -2.82
C ALA A 338 -1.99 11.38 -3.12
N ILE A 339 -0.98 11.21 -2.27
CA ILE A 339 0.31 11.85 -2.50
C ILE A 339 0.91 11.30 -3.79
N ASN A 340 0.80 9.99 -4.01
CA ASN A 340 1.29 9.41 -5.28
C ASN A 340 0.59 10.05 -6.48
N ILE A 341 -0.72 10.26 -6.39
CA ILE A 341 -1.44 10.95 -7.46
C ILE A 341 -0.94 12.40 -7.68
N MET A 342 -0.68 13.14 -6.61
CA MET A 342 -0.12 14.49 -6.77
C MET A 342 1.20 14.46 -7.53
N TRP A 343 2.07 13.52 -7.18
CA TRP A 343 3.37 13.40 -7.82
C TRP A 343 3.20 13.01 -9.28
N ILE A 344 2.39 11.98 -9.54
CA ILE A 344 2.21 11.52 -10.92
C ILE A 344 1.57 12.61 -11.80
N TYR A 345 0.56 13.31 -11.28
CA TYR A 345 -0.07 14.41 -12.03
C TYR A 345 0.98 15.45 -12.43
N TYR A 346 1.83 15.82 -11.49
CA TYR A 346 2.94 16.73 -11.78
C TYR A 346 3.84 16.18 -12.89
N LEU A 347 4.18 14.89 -12.81
CA LEU A 347 5.05 14.30 -13.84
C LEU A 347 4.40 14.35 -15.21
N VAL A 348 3.08 14.13 -15.25
CA VAL A 348 2.37 14.14 -16.52
C VAL A 348 2.31 15.54 -17.08
N GLN A 349 1.88 16.48 -16.24
CA GLN A 349 1.67 17.85 -16.70
C GLN A 349 2.96 18.50 -17.14
N LYS A 350 4.06 18.13 -16.51
CA LYS A 350 5.36 18.69 -16.87
C LYS A 350 6.07 17.89 -17.96
N GLY A 351 5.47 16.79 -18.39
CA GLY A 351 6.00 16.02 -19.50
C GLY A 351 7.11 15.02 -19.16
N TYR A 352 7.28 14.71 -17.89
CA TYR A 352 8.28 13.72 -17.47
C TYR A 352 7.87 12.28 -17.80
N VAL A 353 6.57 12.02 -17.80
CA VAL A 353 6.04 10.69 -18.14
C VAL A 353 4.85 10.84 -19.08
N PRO A 354 4.62 9.83 -19.93
CA PRO A 354 3.45 9.86 -20.80
C PRO A 354 2.17 9.68 -19.98
N TYR A 355 1.09 10.24 -20.51
CA TYR A 355 -0.23 10.07 -19.92
C TYR A 355 -0.69 8.63 -20.09
N VAL A 356 -1.36 8.08 -19.08
CA VAL A 356 -1.99 6.77 -19.17
C VAL A 356 -3.46 6.91 -18.84
N ASP A 357 -4.33 6.55 -19.77
CA ASP A 357 -5.76 6.62 -19.47
C ASP A 357 -6.05 5.52 -18.48
N PRO A 358 -6.70 5.89 -17.36
CA PRO A 358 -7.07 4.90 -16.34
C PRO A 358 -7.84 3.74 -16.94
N LEU A 359 -8.59 3.98 -18.03
CA LEU A 359 -9.38 2.92 -18.64
C LEU A 359 -8.54 1.87 -19.37
N GLU A 360 -7.25 2.17 -19.59
CA GLU A 360 -6.34 1.21 -20.23
C GLU A 360 -6.04 0.05 -19.30
N ILE A 361 -6.28 0.24 -18.01
CA ILE A 361 -6.09 -0.84 -17.04
C ILE A 361 -7.46 -1.50 -16.88
N PRO A 362 -7.57 -2.79 -17.26
CA PRO A 362 -8.86 -3.50 -17.25
C PRO A 362 -9.47 -3.55 -15.86
N GLU A 363 -10.79 -3.43 -15.76
CA GLU A 363 -11.47 -3.63 -14.48
C GLU A 363 -11.53 -5.14 -14.20
N SER A 364 -11.70 -5.91 -15.27
CA SER A 364 -11.85 -7.36 -15.12
C SER A 364 -10.52 -8.01 -14.80
N LEU A 365 -10.56 -9.00 -13.91
CA LEU A 365 -9.38 -9.74 -13.51
C LEU A 365 -9.25 -11.06 -14.27
N VAL A 366 -10.05 -11.24 -15.31
CA VAL A 366 -10.04 -12.52 -16.04
C VAL A 366 -8.67 -12.86 -16.61
N ASN A 367 -7.98 -11.86 -17.14
CA ASN A 367 -6.68 -12.12 -17.76
C ASN A 367 -5.49 -11.84 -16.86
N TYR A 368 -5.75 -11.73 -15.55
CA TYR A 368 -4.73 -11.31 -14.60
C TYR A 368 -3.65 -12.37 -14.45
N THR A 369 -2.39 -11.93 -14.43
CA THR A 369 -1.27 -12.86 -14.26
C THR A 369 -0.40 -12.51 -13.07
N ASP A 370 -0.45 -11.25 -12.63
CA ASP A 370 0.57 -10.78 -11.70
C ASP A 370 0.16 -10.89 -10.23
N PHE A 371 -0.34 -12.05 -9.83
CA PHE A 371 -0.69 -12.29 -8.43
C PHE A 371 0.49 -12.00 -7.53
N ASP A 372 1.66 -12.45 -7.97
CA ASP A 372 2.93 -12.12 -7.32
C ASP A 372 3.52 -10.88 -7.99
N PRO A 373 3.62 -9.75 -7.25
CA PRO A 373 4.11 -8.51 -7.86
C PRO A 373 5.48 -8.69 -8.49
N ARG A 374 5.63 -8.16 -9.69
CA ARG A 374 6.87 -8.25 -10.45
C ARG A 374 7.93 -7.38 -9.79
N TYR A 375 9.13 -7.92 -9.65
CA TYR A 375 10.19 -7.17 -9.00
C TYR A 375 10.96 -6.37 -10.07
N THR A 376 11.18 -5.10 -9.78
CA THR A 376 12.03 -4.24 -10.60
C THR A 376 12.98 -3.46 -9.70
N PRO A 377 14.30 -3.66 -9.86
CA PRO A 377 15.28 -2.94 -9.04
C PRO A 377 15.06 -1.43 -9.09
N MET A 378 15.24 -0.76 -7.96
CA MET A 378 15.06 0.68 -7.84
C MET A 378 15.99 1.45 -8.77
N ILE A 379 17.21 0.95 -8.96
CA ILE A 379 18.11 1.53 -9.93
C ILE A 379 18.71 0.44 -10.80
N ASP A 380 18.91 0.73 -12.08
CA ASP A 380 19.47 -0.22 -13.02
C ASP A 380 20.89 -0.57 -12.54
N PRO A 381 21.11 -1.85 -12.21
CA PRO A 381 22.37 -2.32 -11.64
C PRO A 381 23.54 -2.15 -12.59
N GLU A 382 23.25 -1.93 -13.88
CA GLU A 382 24.31 -1.84 -14.87
C GLU A 382 24.50 -0.45 -15.49
N ILE A 383 24.11 0.61 -14.78
CA ILE A 383 24.40 1.94 -15.31
C ILE A 383 25.76 2.44 -14.85
N THR A 384 26.32 3.34 -15.66
CA THR A 384 27.62 3.93 -15.39
C THR A 384 27.51 4.98 -14.29
N ASN A 385 28.65 5.39 -13.75
CA ASN A 385 28.64 6.44 -12.74
C ASN A 385 28.10 7.73 -13.34
N THR A 386 28.41 7.96 -14.61
CA THR A 386 27.95 9.15 -15.31
C THR A 386 26.44 9.17 -15.44
N GLU A 387 25.86 8.04 -15.83
CA GLU A 387 24.41 7.94 -15.95
C GLU A 387 23.77 8.11 -14.58
N ARG A 388 24.42 7.58 -13.55
CA ARG A 388 23.92 7.68 -12.20
C ARG A 388 23.91 9.12 -11.73
N GLU A 389 24.97 9.86 -12.06
CA GLU A 389 25.04 11.26 -11.68
C GLU A 389 23.95 12.06 -12.39
N GLU A 390 23.64 11.68 -13.62
CA GLU A 390 22.57 12.34 -14.37
C GLU A 390 21.24 12.09 -13.67
N LEU A 391 21.04 10.87 -13.17
CA LEU A 391 19.85 10.53 -12.37
C LEU A 391 19.75 11.38 -11.10
N TYR A 392 20.85 11.56 -10.37
CA TYR A 392 20.78 12.37 -9.14
C TYR A 392 20.37 13.79 -9.47
N LYS A 393 20.91 14.32 -10.55
CA LYS A 393 20.62 15.68 -10.98
C LYS A 393 19.13 15.80 -11.34
N ALA A 394 18.66 14.85 -12.14
CA ALA A 394 17.25 14.81 -12.54
C ALA A 394 16.32 14.67 -11.33
N ALA A 395 16.62 13.76 -10.41
CA ALA A 395 15.79 13.54 -9.24
C ALA A 395 15.66 14.81 -8.42
N GLY A 396 16.79 15.49 -8.20
CA GLY A 396 16.77 16.73 -7.44
C GLY A 396 15.93 17.79 -8.13
N ASP A 397 16.17 17.96 -9.44
CA ASP A 397 15.41 18.91 -10.27
C ASP A 397 13.92 18.61 -10.16
N MET A 398 13.56 17.34 -10.25
CA MET A 398 12.15 16.96 -10.30
C MET A 398 11.46 17.18 -8.97
N LEU A 399 12.15 16.88 -7.87
CA LEU A 399 11.55 17.08 -6.55
C LEU A 399 11.37 18.56 -6.26
N VAL A 400 12.37 19.37 -6.58
CA VAL A 400 12.26 20.83 -6.41
C VAL A 400 11.11 21.36 -7.27
N GLY A 401 11.01 20.82 -8.48
CA GLY A 401 9.98 21.20 -9.42
C GLY A 401 8.58 20.87 -8.91
N PHE A 402 8.46 19.79 -8.14
CA PHE A 402 7.18 19.37 -7.57
C PHE A 402 6.73 20.40 -6.54
N PHE A 403 7.64 20.81 -5.66
CA PHE A 403 7.24 21.76 -4.64
C PHE A 403 6.99 23.12 -5.26
N TYR A 404 7.73 23.45 -6.31
CA TYR A 404 7.51 24.71 -7.02
C TYR A 404 6.16 24.70 -7.73
N PHE A 405 5.88 23.60 -8.43
CA PHE A 405 4.62 23.44 -9.15
C PHE A 405 3.42 23.67 -8.23
N TYR A 406 3.40 22.99 -7.09
CA TYR A 406 2.25 23.09 -6.21
C TYR A 406 2.22 24.35 -5.36
N SER A 407 3.35 25.05 -5.27
CA SER A 407 3.41 26.30 -4.51
C SER A 407 3.00 27.49 -5.35
N PHE A 408 3.37 27.48 -6.63
CA PHE A 408 3.20 28.66 -7.48
C PHE A 408 2.45 28.43 -8.79
N GLU A 409 2.50 27.22 -9.33
CA GLU A 409 1.97 26.98 -10.67
C GLU A 409 0.56 26.41 -10.70
N PHE A 410 0.34 25.35 -9.93
CA PHE A 410 -0.97 24.70 -9.93
C PHE A 410 -2.07 25.62 -9.37
N ASP A 411 -3.20 25.68 -10.07
CA ASP A 411 -4.28 26.56 -9.63
C ASP A 411 -5.18 25.78 -8.69
N TRP A 412 -4.86 25.80 -7.39
CA TRP A 412 -5.63 25.06 -6.39
C TRP A 412 -7.05 25.59 -6.27
N GLY A 413 -7.22 26.86 -6.65
CA GLY A 413 -8.52 27.51 -6.50
C GLY A 413 -9.55 27.02 -7.50
N HIS A 414 -9.10 26.75 -8.73
CA HIS A 414 -10.05 26.47 -9.81
C HIS A 414 -9.89 25.10 -10.46
N ASN A 415 -8.76 24.45 -10.22
CA ASN A 415 -8.46 23.19 -10.91
C ASN A 415 -8.38 21.98 -10.00
N VAL A 416 -8.32 20.80 -10.62
CA VAL A 416 -8.31 19.53 -9.90
C VAL A 416 -7.09 18.72 -10.32
N ILE A 417 -6.39 18.14 -9.34
CA ILE A 417 -5.33 17.19 -9.65
C ILE A 417 -6.00 15.91 -10.12
N SER A 418 -5.88 15.60 -11.41
CA SER A 418 -6.63 14.48 -11.94
C SER A 418 -5.88 13.75 -13.03
N LEU A 419 -5.89 12.42 -12.95
CA LEU A 419 -5.30 11.59 -14.00
C LEU A 419 -6.37 11.05 -14.94
N ASN A 420 -7.60 11.54 -14.81
CA ASN A 420 -8.68 11.01 -15.67
C ASN A 420 -8.71 11.57 -17.09
N ARG A 421 -7.89 12.58 -17.34
CA ARG A 421 -7.75 13.16 -18.67
C ARG A 421 -6.38 13.83 -18.71
N PRO A 422 -5.80 13.96 -19.91
CA PRO A 422 -4.45 14.51 -20.02
C PRO A 422 -4.37 16.02 -19.84
N GLY A 423 -5.44 16.73 -20.17
CA GLY A 423 -5.44 18.18 -20.03
C GLY A 423 -5.95 18.62 -18.67
N ILE A 424 -6.15 19.93 -18.51
CA ILE A 424 -6.59 20.51 -17.25
C ILE A 424 -7.99 20.03 -16.87
N THR A 425 -8.19 19.67 -15.60
CA THR A 425 -9.52 19.37 -15.10
C THR A 425 -9.92 20.54 -14.20
N THR A 426 -11.01 21.22 -14.53
CA THR A 426 -11.47 22.32 -13.68
C THR A 426 -12.39 21.74 -12.60
N LYS A 427 -12.53 22.45 -11.48
CA LYS A 427 -13.50 22.04 -10.48
C LYS A 427 -14.90 21.97 -11.08
N ARG A 428 -15.24 22.94 -11.92
CA ARG A 428 -16.57 22.96 -12.53
C ARG A 428 -16.86 21.70 -13.35
N MET A 429 -15.84 21.18 -14.01
CA MET A 429 -16.02 19.95 -14.80
C MET A 429 -16.54 18.80 -13.96
N LEU A 430 -16.13 18.74 -12.69
CA LEU A 430 -16.54 17.63 -11.82
C LEU A 430 -17.73 18.02 -10.96
N GLY A 431 -18.13 19.28 -11.04
CA GLY A 431 -19.20 19.79 -10.18
C GLY A 431 -18.66 20.08 -8.79
N TRP A 432 -17.36 20.34 -8.71
CA TRP A 432 -16.73 20.61 -7.42
C TRP A 432 -16.44 22.09 -7.22
N HIS A 433 -17.10 22.93 -8.02
CA HIS A 433 -16.86 24.36 -8.01
C HIS A 433 -17.75 25.04 -6.96
N VAL A 434 -18.62 24.24 -6.34
CA VAL A 434 -19.47 24.72 -5.25
C VAL A 434 -19.54 23.66 -4.14
N GLU A 435 -19.54 24.11 -2.88
CA GLU A 435 -19.72 23.16 -1.78
C GLU A 435 -21.14 23.22 -1.24
N ASP A 436 -21.64 22.06 -0.83
CA ASP A 436 -22.93 21.99 -0.16
C ASP A 436 -22.71 22.29 1.33
N VAL A 437 -22.76 23.57 1.69
CA VAL A 437 -22.63 23.97 3.09
C VAL A 437 -24.00 24.09 3.76
N HIS A 457 -19.65 19.07 8.86
CA HIS A 457 -18.47 18.65 8.13
C HIS A 457 -18.82 18.39 6.67
N PRO A 458 -18.83 19.46 5.86
CA PRO A 458 -19.21 19.36 4.45
C PRO A 458 -18.16 18.57 3.66
N THR A 459 -18.53 18.11 2.47
CA THR A 459 -17.54 17.57 1.56
C THR A 459 -16.81 18.79 1.03
N ARG A 460 -15.49 18.84 1.24
CA ARG A 460 -14.73 20.05 0.90
C ARG A 460 -14.10 19.96 -0.50
N TYR A 461 -14.06 21.09 -1.18
CA TYR A 461 -13.48 21.18 -2.51
C TYR A 461 -12.43 22.29 -2.54
N GLU A 462 -11.72 22.45 -1.43
CA GLU A 462 -10.66 23.45 -1.34
C GLU A 462 -9.42 22.93 -2.09
N LEU A 463 -8.95 21.76 -1.70
CA LEU A 463 -7.89 21.05 -2.43
C LEU A 463 -8.52 19.81 -3.04
N CYS A 464 -8.44 19.70 -4.36
CA CYS A 464 -9.15 18.63 -5.06
C CYS A 464 -8.21 17.70 -5.77
N ILE A 465 -8.38 16.41 -5.51
CA ILE A 465 -7.68 15.35 -6.23
C ILE A 465 -8.73 14.34 -6.64
N GLU A 466 -8.86 14.10 -7.94
CA GLU A 466 -9.87 13.17 -8.42
C GLU A 466 -9.36 11.75 -8.28
N ASP A 467 -10.16 10.86 -7.71
CA ASP A 467 -9.78 9.45 -7.70
C ASP A 467 -10.00 8.89 -9.09
N PRO A 468 -9.02 8.16 -9.61
CA PRO A 468 -9.06 7.65 -10.98
C PRO A 468 -10.26 6.73 -11.27
N TYR A 469 -10.69 5.92 -10.31
CA TYR A 469 -11.75 4.93 -10.62
C TYR A 469 -13.06 5.12 -9.87
N GLU A 470 -13.04 5.93 -8.83
CA GLU A 470 -14.27 6.21 -8.11
C GLU A 470 -14.74 7.64 -8.39
N GLU A 471 -15.75 7.77 -9.24
CA GLU A 471 -16.21 9.10 -9.63
C GLU A 471 -16.84 9.88 -8.47
N ASN A 472 -16.70 11.19 -8.55
CA ASN A 472 -17.20 12.12 -7.56
C ASN A 472 -16.67 11.85 -6.16
N LEU A 473 -15.41 11.41 -6.08
CA LEU A 473 -14.75 11.28 -4.79
C LEU A 473 -13.50 12.15 -4.79
N ASN A 474 -13.52 13.19 -3.99
CA ASN A 474 -12.35 14.06 -3.81
C ASN A 474 -11.49 13.49 -2.69
N LEU A 475 -10.24 13.18 -2.99
CA LEU A 475 -9.36 12.62 -1.98
C LEU A 475 -9.04 13.65 -0.92
N GLY A 476 -9.27 14.93 -1.24
CA GLY A 476 -9.13 16.01 -0.27
C GLY A 476 -10.45 16.47 0.36
N ARG A 477 -11.45 15.59 0.38
CA ARG A 477 -12.80 16.00 0.83
C ARG A 477 -12.90 16.42 2.29
N HIS A 478 -11.94 16.03 3.11
CA HIS A 478 -12.00 16.39 4.53
C HIS A 478 -11.14 17.62 4.84
N ILE A 479 -10.54 18.19 3.81
CA ILE A 479 -9.61 19.31 3.98
C ILE A 479 -10.29 20.64 3.76
N GLY A 480 -10.75 21.26 4.85
CA GLY A 480 -11.33 22.59 4.81
C GLY A 480 -10.26 23.67 4.74
N VAL A 481 -10.67 24.93 4.80
CA VAL A 481 -9.74 26.03 4.52
C VAL A 481 -8.49 26.11 5.42
N THR A 482 -8.66 26.03 6.74
CA THR A 482 -7.48 26.10 7.62
C THR A 482 -6.58 24.89 7.42
N LYS A 483 -7.18 23.72 7.26
CA LYS A 483 -6.38 22.52 6.99
C LYS A 483 -5.63 22.67 5.69
N SER A 484 -6.26 23.31 4.69
CA SER A 484 -5.64 23.47 3.39
C SER A 484 -4.43 24.38 3.49
N LEU A 485 -4.50 25.34 4.41
CA LEU A 485 -3.38 26.27 4.55
C LEU A 485 -2.22 25.62 5.34
N ARG A 486 -2.53 24.61 6.14
CA ARG A 486 -1.46 23.82 6.75
C ARG A 486 -0.75 23.05 5.65
N VAL A 487 -1.52 22.53 4.69
CA VAL A 487 -0.90 21.84 3.55
C VAL A 487 -0.04 22.78 2.73
N ARG A 488 -0.58 23.95 2.38
CA ARG A 488 0.19 24.91 1.61
C ARG A 488 1.46 25.33 2.36
N THR A 489 1.37 25.40 3.69
CA THR A 489 2.56 25.72 4.49
C THR A 489 3.67 24.73 4.21
N GLU A 490 3.33 23.45 4.23
CA GLU A 490 4.34 22.40 4.10
C GLU A 490 4.91 22.34 2.68
N LEU A 491 4.12 22.72 1.68
CA LEU A 491 4.63 22.79 0.31
C LEU A 491 5.66 23.90 0.17
N TYR A 492 5.42 25.04 0.81
CA TYR A 492 6.42 26.11 0.81
C TYR A 492 7.68 25.65 1.56
N ARG A 493 7.48 24.96 2.67
CA ARG A 493 8.59 24.51 3.51
C ARG A 493 9.47 23.54 2.72
N GLY A 494 8.84 22.63 1.98
CA GLY A 494 9.59 21.68 1.17
C GLY A 494 10.37 22.36 0.05
N LEU A 495 9.74 23.34 -0.58
CA LEU A 495 10.40 24.10 -1.64
C LEU A 495 11.69 24.74 -1.11
N LEU A 496 11.57 25.41 0.03
CA LEU A 496 12.70 26.11 0.62
C LEU A 496 13.80 25.14 1.07
N SER A 497 13.40 24.01 1.63
CA SER A 497 14.33 23.02 2.16
C SER A 497 15.31 22.46 1.13
N LEU A 498 14.84 22.27 -0.10
CA LEU A 498 15.64 21.62 -1.14
C LEU A 498 16.71 22.53 -1.71
N LEU A 499 16.66 23.80 -1.33
CA LEU A 499 17.64 24.76 -1.83
C LEU A 499 18.76 24.95 -0.83
N LYS A 500 18.65 24.25 0.31
CA LYS A 500 19.56 24.47 1.43
C LYS A 500 20.11 23.17 2.00
N GLU A 501 21.03 23.29 2.96
CA GLU A 501 21.66 22.14 3.62
C GLU A 501 20.68 21.17 4.30
N GLY A 502 19.54 21.68 4.72
CA GLY A 502 18.47 20.83 5.23
C GLY A 502 18.73 20.20 6.59
#